data_8UZ9
#
_entry.id   8UZ9
#
_cell.length_a   114.855
_cell.length_b   114.855
_cell.length_c   119.273
_cell.angle_alpha   90.00
_cell.angle_beta   90.00
_cell.angle_gamma   90.00
#
_symmetry.space_group_name_H-M   'P 41 21 2'
#
loop_
_entity.id
_entity.type
_entity.pdbx_description
1 polymer 'Neutrophil gelatinase-associated lipocalin'
2 non-polymer 'Actinium Ion'
3 non-polymer "N,N'-butane-1,4-diylbis[1-hydroxy-N-(3-{[(1-hydroxy-6-oxo-1,6-dihydropyridin-2-yl)carbonyl]amino}propyl)-6-oxo-1,6-dihydropyridine-2-carboxamide]"
4 non-polymer 'SULFATE ION'
5 non-polymer 'CHLORIDE ION'
6 water water
#
_entity_poly.entity_id   1
_entity_poly.type   'polypeptide(L)'
_entity_poly.pdbx_seq_one_letter_code
;QDSTSDLIPAPPLSKVPLQQNFQDNQFQGKWYVVGLAGNAILREDKDPQKMYATIYELKEDKSYNVTSVLFRKKKCDYWI
RTFVPGSQPGEFTLGNIKSYPGLTSYLVRVVSTNYNQHAMVFFKKVSQNREYFKITLYGRTKELTSELKENFIRFSKSLG
LPENHIVFPVPIDQCIDG
;
_entity_poly.pdbx_strand_id   A,B,C
#
# COMPACT_ATOMS: atom_id res chain seq x y z
N THR A 4 18.27 -29.33 -19.28
CA THR A 4 19.03 -28.73 -18.14
C THR A 4 18.21 -27.56 -17.55
N SER A 5 18.02 -27.59 -16.24
CA SER A 5 17.31 -26.55 -15.48
C SER A 5 17.85 -26.51 -14.04
N ASP A 6 18.22 -25.33 -13.55
CA ASP A 6 18.69 -25.08 -12.18
C ASP A 6 17.63 -24.23 -11.49
N LEU A 7 17.08 -24.70 -10.37
CA LEU A 7 15.99 -24.04 -9.64
C LEU A 7 16.42 -23.86 -8.19
N ILE A 8 16.04 -22.74 -7.60
CA ILE A 8 16.06 -22.55 -6.12
C ILE A 8 15.16 -23.61 -5.52
N PRO A 9 15.65 -24.40 -4.54
CA PRO A 9 14.86 -25.48 -3.97
C PRO A 9 13.59 -24.96 -3.28
N ALA A 10 12.47 -25.68 -3.37
CA ALA A 10 11.26 -25.44 -2.57
C ALA A 10 11.64 -25.35 -1.11
N PRO A 11 11.06 -24.42 -0.32
CA PRO A 11 11.28 -24.39 1.12
C PRO A 11 10.55 -25.57 1.78
N PRO A 12 10.97 -26.02 2.98
CA PRO A 12 10.15 -26.95 3.76
C PRO A 12 8.83 -26.29 4.16
N LEU A 13 7.75 -27.05 4.17
CA LEU A 13 6.37 -26.57 4.44
C LEU A 13 6.30 -25.94 5.83
N SER A 14 7.20 -26.35 6.72
CA SER A 14 7.37 -25.82 8.08
C SER A 14 7.66 -24.31 8.02
N LYS A 15 8.26 -23.79 6.93
CA LYS A 15 8.57 -22.33 6.78
C LYS A 15 7.36 -21.57 6.19
N VAL A 16 6.27 -22.26 5.89
CA VAL A 16 5.12 -21.65 5.22
C VAL A 16 3.95 -21.65 6.18
N PRO A 17 3.60 -20.51 6.77
CA PRO A 17 2.47 -20.47 7.70
C PRO A 17 1.15 -20.75 6.96
N LEU A 18 0.17 -21.18 7.74
CA LEU A 18 -1.22 -21.38 7.32
C LEU A 18 -2.11 -20.31 8.00
N GLN A 19 -2.95 -19.60 7.25
CA GLN A 19 -3.97 -18.69 7.82
C GLN A 19 -4.79 -19.46 8.85
N GLN A 20 -4.77 -19.03 10.13
CA GLN A 20 -5.59 -19.65 11.22
C GLN A 20 -7.08 -19.49 10.86
N ASN A 21 -7.87 -20.54 11.13
CA ASN A 21 -9.36 -20.52 11.08
C ASN A 21 -9.80 -20.00 9.71
N PHE A 22 -9.28 -20.57 8.65
CA PHE A 22 -9.55 -20.14 7.26
C PHE A 22 -11.05 -20.22 7.01
N GLN A 23 -11.61 -19.18 6.38
CA GLN A 23 -13.05 -19.12 6.05
C GLN A 23 -13.21 -19.24 4.52
N ASP A 24 -13.62 -20.41 4.04
CA ASP A 24 -13.61 -20.76 2.61
C ASP A 24 -14.64 -19.89 1.86
N ASN A 25 -15.73 -19.54 2.52
CA ASN A 25 -16.84 -18.72 1.94
C ASN A 25 -16.35 -17.27 1.75
N GLN A 26 -15.56 -16.73 2.66
CA GLN A 26 -15.07 -15.31 2.61
C GLN A 26 -13.93 -15.18 1.61
N PHE A 27 -13.24 -16.27 1.25
CA PHE A 27 -12.08 -16.19 0.32
C PHE A 27 -12.55 -16.11 -1.15
N GLN A 28 -13.82 -16.40 -1.38
CA GLN A 28 -14.43 -16.43 -2.70
C GLN A 28 -14.38 -15.06 -3.39
N GLY A 29 -14.59 -15.07 -4.71
CA GLY A 29 -14.70 -13.87 -5.55
C GLY A 29 -13.36 -13.60 -6.24
N LYS A 30 -13.22 -12.39 -6.72
CA LYS A 30 -12.13 -12.01 -7.62
C LYS A 30 -10.98 -11.48 -6.80
N TRP A 31 -9.76 -11.96 -7.10
CA TRP A 31 -8.49 -11.43 -6.59
C TRP A 31 -7.65 -10.98 -7.75
N TYR A 32 -7.00 -9.83 -7.63
CA TYR A 32 -5.93 -9.39 -8.56
C TYR A 32 -4.59 -9.96 -8.08
N VAL A 33 -3.74 -10.33 -9.02
CA VAL A 33 -2.37 -10.70 -8.73
C VAL A 33 -1.50 -9.44 -8.78
N VAL A 34 -1.28 -8.90 -7.59
CA VAL A 34 -0.54 -7.66 -7.32
C VAL A 34 0.93 -7.99 -7.13
N GLY A 35 1.23 -9.22 -6.72
CA GLY A 35 2.62 -9.66 -6.54
C GLY A 35 2.78 -11.12 -6.89
N LEU A 36 3.90 -11.47 -7.44
CA LEU A 36 4.21 -12.85 -7.91
C LEU A 36 5.69 -13.13 -7.67
N ALA A 37 6.02 -14.21 -6.95
CA ALA A 37 7.40 -14.63 -6.68
C ALA A 37 7.50 -16.14 -6.81
N GLY A 38 8.62 -16.63 -7.28
CA GLY A 38 8.84 -18.08 -7.31
C GLY A 38 10.12 -18.48 -8.00
N ASN A 39 10.42 -19.77 -7.99
CA ASN A 39 11.72 -20.28 -8.49
C ASN A 39 11.70 -20.32 -10.00
N ALA A 40 10.53 -20.18 -10.66
CA ALA A 40 10.45 -20.00 -12.13
C ALA A 40 9.94 -18.62 -12.52
N ILE A 41 9.81 -17.68 -11.59
CA ILE A 41 9.42 -16.29 -11.90
C ILE A 41 10.70 -15.47 -12.06
N LEU A 42 10.83 -14.75 -13.16
CA LEU A 42 11.98 -13.84 -13.41
C LEU A 42 11.45 -12.45 -13.84
N ARG A 43 11.94 -11.38 -13.24
CA ARG A 43 11.74 -9.98 -13.72
C ARG A 43 12.18 -9.90 -15.21
N GLU A 44 11.39 -9.21 -16.02
CA GLU A 44 11.65 -9.04 -17.48
C GLU A 44 11.37 -7.58 -17.84
N ASP A 45 12.34 -6.70 -17.58
CA ASP A 45 12.21 -5.22 -17.79
C ASP A 45 11.87 -4.96 -19.26
N LYS A 46 12.27 -5.85 -20.18
CA LYS A 46 11.89 -5.83 -21.62
C LYS A 46 10.35 -5.83 -21.76
N ASP A 47 9.70 -6.91 -21.29
CA ASP A 47 8.25 -7.18 -21.51
C ASP A 47 7.59 -7.48 -20.15
N PRO A 48 7.36 -6.44 -19.31
CA PRO A 48 6.96 -6.65 -17.91
C PRO A 48 5.62 -7.42 -17.79
N GLN A 49 5.54 -8.33 -16.83
CA GLN A 49 4.34 -9.16 -16.55
C GLN A 49 3.13 -8.23 -16.33
N LYS A 50 2.06 -8.43 -17.07
CA LYS A 50 0.75 -7.75 -16.88
C LYS A 50 -0.06 -8.43 -15.78
N MET A 51 -0.70 -7.66 -14.94
CA MET A 51 -1.62 -8.16 -13.92
C MET A 51 -2.66 -9.11 -14.59
N TYR A 52 -2.99 -10.17 -13.90
CA TYR A 52 -4.11 -11.07 -14.23
C TYR A 52 -4.92 -11.22 -12.95
N ALA A 53 -6.06 -11.88 -13.05
CA ALA A 53 -7.00 -12.00 -11.94
C ALA A 53 -7.39 -13.48 -11.82
N THR A 54 -7.74 -13.88 -10.62
CA THR A 54 -8.15 -15.23 -10.31
C THR A 54 -9.41 -15.14 -9.51
N ILE A 55 -10.42 -15.90 -9.91
CA ILE A 55 -11.75 -15.93 -9.26
C ILE A 55 -11.91 -17.28 -8.60
N TYR A 56 -12.24 -17.25 -7.33
CA TYR A 56 -12.48 -18.47 -6.52
C TYR A 56 -13.98 -18.62 -6.27
N GLU A 57 -14.57 -19.72 -6.73
CA GLU A 57 -16.02 -20.00 -6.45
C GLU A 57 -16.12 -21.32 -5.74
N LEU A 58 -16.77 -21.32 -4.59
CA LEU A 58 -17.03 -22.53 -3.79
C LEU A 58 -18.13 -23.34 -4.46
N LYS A 59 -17.86 -24.59 -4.76
CA LYS A 59 -18.86 -25.58 -5.21
C LYS A 59 -19.56 -26.18 -3.99
N GLU A 60 -20.66 -26.90 -4.22
CA GLU A 60 -21.50 -27.46 -3.13
C GLU A 60 -20.66 -28.43 -2.30
N ASP A 61 -19.72 -29.14 -2.93
CA ASP A 61 -18.85 -30.11 -2.22
C ASP A 61 -17.69 -29.39 -1.55
N LYS A 62 -17.58 -28.07 -1.69
CA LYS A 62 -16.63 -27.18 -0.94
C LYS A 62 -15.23 -27.21 -1.58
N SER A 63 -15.08 -27.86 -2.72
CA SER A 63 -13.94 -27.60 -3.63
C SER A 63 -14.14 -26.21 -4.23
N TYR A 64 -13.08 -25.59 -4.72
CA TYR A 64 -13.16 -24.33 -5.50
C TYR A 64 -13.05 -24.65 -6.97
N ASN A 65 -13.90 -24.02 -7.77
CA ASN A 65 -13.61 -23.72 -9.17
C ASN A 65 -12.79 -22.42 -9.20
N VAL A 66 -11.62 -22.50 -9.77
CA VAL A 66 -10.63 -21.39 -9.78
C VAL A 66 -10.41 -21.02 -11.23
N THR A 67 -10.86 -19.84 -11.64
CA THR A 67 -10.72 -19.38 -13.01
C THR A 67 -9.75 -18.21 -13.02
N SER A 68 -8.72 -18.28 -13.85
CA SER A 68 -7.78 -17.16 -14.05
C SER A 68 -8.00 -16.58 -15.43
N VAL A 69 -7.92 -15.26 -15.53
CA VAL A 69 -8.04 -14.57 -16.83
C VAL A 69 -6.81 -13.69 -16.99
N LEU A 70 -6.15 -13.81 -18.12
CA LEU A 70 -5.04 -12.93 -18.52
C LEU A 70 -5.25 -12.40 -19.93
N PHE A 71 -4.68 -11.25 -20.18
CA PHE A 71 -4.66 -10.55 -21.47
C PHE A 71 -3.37 -10.91 -22.16
N ARG A 72 -3.45 -11.69 -23.23
CA ARG A 72 -2.34 -12.19 -24.07
C ARG A 72 -2.74 -12.07 -25.53
N LYS A 73 -1.90 -11.47 -26.37
CA LYS A 73 -2.07 -11.50 -27.85
C LYS A 73 -3.43 -10.89 -28.18
N LYS A 74 -3.77 -9.79 -27.50
CA LYS A 74 -5.00 -8.97 -27.74
C LYS A 74 -6.27 -9.74 -27.32
N LYS A 75 -6.16 -10.86 -26.63
CA LYS A 75 -7.35 -11.63 -26.19
C LYS A 75 -7.34 -11.92 -24.70
N CYS A 76 -8.48 -12.32 -24.18
CA CYS A 76 -8.63 -12.83 -22.80
C CYS A 76 -8.46 -14.34 -22.85
N ASP A 77 -7.48 -14.83 -22.13
CA ASP A 77 -7.19 -16.29 -22.00
C ASP A 77 -7.63 -16.73 -20.61
N TYR A 78 -8.47 -17.72 -20.54
CA TYR A 78 -9.08 -18.27 -19.31
C TYR A 78 -8.41 -19.61 -19.01
N TRP A 79 -8.00 -19.85 -17.76
CA TRP A 79 -7.65 -21.21 -17.33
C TRP A 79 -8.32 -21.56 -16.01
N ILE A 80 -8.78 -22.76 -15.98
CA ILE A 80 -9.67 -23.33 -14.95
C ILE A 80 -8.88 -24.40 -14.18
N ARG A 81 -8.92 -24.31 -12.86
CA ARG A 81 -8.39 -25.31 -11.94
C ARG A 81 -9.51 -25.68 -10.96
N THR A 82 -9.44 -26.87 -10.39
CA THR A 82 -10.24 -27.25 -9.20
C THR A 82 -9.26 -27.40 -8.03
N PHE A 83 -9.53 -26.72 -6.93
CA PHE A 83 -8.77 -26.84 -5.68
C PHE A 83 -9.61 -27.64 -4.70
N VAL A 84 -9.13 -28.82 -4.33
CA VAL A 84 -9.81 -29.78 -3.41
C VAL A 84 -9.28 -29.55 -2.01
N PRO A 85 -10.15 -29.38 -0.98
CA PRO A 85 -9.70 -29.16 0.39
C PRO A 85 -8.76 -30.27 0.83
N GLY A 86 -7.64 -29.92 1.43
CA GLY A 86 -6.58 -30.87 1.77
C GLY A 86 -6.54 -31.13 3.25
N SER A 87 -5.35 -31.24 3.81
CA SER A 87 -5.11 -31.84 5.14
C SER A 87 -5.74 -30.96 6.22
N GLN A 88 -5.81 -29.64 6.01
CA GLN A 88 -6.28 -28.62 7.00
C GLN A 88 -6.97 -27.49 6.26
N PRO A 89 -7.91 -26.76 6.92
CA PRO A 89 -8.56 -25.60 6.30
C PRO A 89 -7.50 -24.61 5.81
N GLY A 90 -7.61 -24.23 4.55
CA GLY A 90 -6.72 -23.25 3.90
C GLY A 90 -5.66 -23.96 3.06
N GLU A 91 -5.65 -25.30 3.05
CA GLU A 91 -4.78 -26.11 2.19
C GLU A 91 -5.60 -26.84 1.13
N PHE A 92 -5.04 -27.00 -0.08
CA PHE A 92 -5.73 -27.63 -1.21
C PHE A 92 -4.75 -28.46 -2.01
N THR A 93 -5.30 -29.44 -2.68
CA THR A 93 -4.67 -30.20 -3.76
C THR A 93 -5.49 -29.95 -5.04
N LEU A 94 -4.95 -30.35 -6.18
CA LEU A 94 -5.47 -30.02 -7.52
C LEU A 94 -6.35 -31.19 -7.95
N GLY A 95 -7.60 -30.94 -8.28
CA GLY A 95 -8.52 -31.94 -8.86
C GLY A 95 -8.05 -32.40 -10.25
N ASN A 96 -8.30 -33.67 -10.58
N ASN A 96 -8.29 -33.68 -10.57
CA ASN A 96 -8.09 -34.26 -11.93
CA ASN A 96 -8.10 -34.26 -11.93
C ASN A 96 -6.66 -34.04 -12.40
C ASN A 96 -6.66 -34.04 -12.40
N ILE A 97 -5.70 -34.33 -11.53
CA ILE A 97 -4.26 -34.20 -11.80
C ILE A 97 -3.86 -35.04 -13.05
N LYS A 98 -4.54 -36.16 -13.31
CA LYS A 98 -4.31 -37.06 -14.49
C LYS A 98 -4.40 -36.28 -15.81
N SER A 99 -5.23 -35.24 -15.87
CA SER A 99 -5.48 -34.44 -17.08
C SER A 99 -4.32 -33.44 -17.33
N TYR A 100 -3.34 -33.32 -16.44
CA TYR A 100 -2.21 -32.38 -16.65
C TYR A 100 -0.94 -33.19 -16.92
N PRO A 101 -0.47 -33.26 -18.20
CA PRO A 101 0.68 -34.10 -18.53
C PRO A 101 1.94 -33.70 -17.75
N GLY A 102 2.58 -34.66 -17.08
CA GLY A 102 3.86 -34.43 -16.39
C GLY A 102 3.68 -34.00 -14.95
N LEU A 103 2.44 -33.81 -14.49
CA LEU A 103 2.18 -33.21 -13.16
C LEU A 103 1.98 -34.31 -12.16
N THR A 104 2.84 -34.44 -11.16
CA THR A 104 2.71 -35.53 -10.18
C THR A 104 2.28 -35.00 -8.81
N SER A 105 2.39 -33.69 -8.57
CA SER A 105 2.16 -33.11 -7.23
C SER A 105 1.69 -31.66 -7.37
N TYR A 106 0.79 -31.20 -6.53
CA TYR A 106 0.32 -29.79 -6.55
C TYR A 106 -0.29 -29.46 -5.21
N LEU A 107 0.28 -28.49 -4.52
CA LEU A 107 -0.20 -28.12 -3.18
C LEU A 107 -0.45 -26.60 -3.16
N VAL A 108 -1.54 -26.20 -2.52
CA VAL A 108 -1.87 -24.77 -2.25
C VAL A 108 -1.98 -24.58 -0.73
N ARG A 109 -1.33 -23.55 -0.19
CA ARG A 109 -1.50 -23.14 1.21
C ARG A 109 -1.79 -21.63 1.28
N VAL A 110 -2.95 -21.27 1.79
CA VAL A 110 -3.25 -19.83 2.10
C VAL A 110 -2.43 -19.45 3.33
N VAL A 111 -1.44 -18.59 3.13
CA VAL A 111 -0.47 -18.16 4.17
C VAL A 111 -1.13 -17.14 5.10
N SER A 112 -1.83 -16.15 4.53
CA SER A 112 -2.49 -15.06 5.30
C SER A 112 -3.54 -14.40 4.41
N THR A 113 -4.59 -13.90 4.99
CA THR A 113 -5.59 -13.05 4.31
C THR A 113 -6.41 -12.34 5.38
N ASN A 114 -6.94 -11.17 5.04
CA ASN A 114 -8.03 -10.51 5.78
C ASN A 114 -9.30 -10.56 4.91
N TYR A 115 -9.29 -11.35 3.84
CA TYR A 115 -10.47 -11.70 3.00
C TYR A 115 -10.98 -10.50 2.15
N ASN A 116 -11.00 -9.28 2.69
CA ASN A 116 -11.69 -8.15 2.01
C ASN A 116 -10.67 -7.18 1.38
N GLN A 117 -9.35 -7.39 1.57
CA GLN A 117 -8.31 -6.55 0.92
C GLN A 117 -7.17 -7.37 0.36
N HIS A 118 -6.58 -8.33 1.10
CA HIS A 118 -5.31 -8.94 0.66
C HIS A 118 -5.20 -10.40 1.09
N ALA A 119 -4.33 -11.14 0.41
CA ALA A 119 -3.97 -12.54 0.72
C ALA A 119 -2.61 -12.84 0.18
N MET A 120 -1.92 -13.76 0.81
CA MET A 120 -0.72 -14.40 0.28
C MET A 120 -0.96 -15.89 0.24
N VAL A 121 -0.71 -16.49 -0.93
CA VAL A 121 -0.98 -17.90 -1.19
C VAL A 121 0.29 -18.53 -1.73
N PHE A 122 0.66 -19.63 -1.13
CA PHE A 122 1.82 -20.44 -1.50
C PHE A 122 1.34 -21.62 -2.36
N PHE A 123 2.03 -21.87 -3.46
CA PHE A 123 1.84 -22.99 -4.37
C PHE A 123 3.15 -23.78 -4.48
N LYS A 124 3.04 -25.08 -4.56
CA LYS A 124 4.19 -26.01 -4.81
C LYS A 124 3.72 -27.10 -5.73
N LYS A 125 4.46 -27.39 -6.77
CA LYS A 125 4.09 -28.49 -7.66
C LYS A 125 5.33 -29.26 -8.13
N VAL A 126 5.13 -30.47 -8.61
CA VAL A 126 6.22 -31.27 -9.26
C VAL A 126 5.73 -31.60 -10.67
N SER A 127 6.39 -31.04 -11.68
CA SER A 127 6.06 -31.14 -13.11
C SER A 127 7.31 -31.56 -13.87
N GLN A 128 7.26 -32.71 -14.57
CA GLN A 128 8.44 -33.34 -15.24
C GLN A 128 9.55 -33.57 -14.21
N ASN A 129 9.18 -33.96 -12.99
CA ASN A 129 10.10 -34.27 -11.86
C ASN A 129 10.86 -33.03 -11.40
N ARG A 130 10.46 -31.83 -11.80
CA ARG A 130 11.09 -30.58 -11.33
C ARG A 130 10.16 -29.94 -10.29
N GLU A 131 10.71 -29.45 -9.18
CA GLU A 131 9.89 -28.94 -8.07
C GLU A 131 9.81 -27.42 -8.18
N TYR A 132 8.64 -26.89 -8.47
CA TYR A 132 8.38 -25.44 -8.60
C TYR A 132 7.60 -24.95 -7.38
N PHE A 133 7.87 -23.73 -6.95
CA PHE A 133 7.05 -23.06 -5.93
C PHE A 133 6.88 -21.60 -6.30
N LYS A 134 5.76 -21.04 -5.87
CA LYS A 134 5.51 -19.62 -6.03
C LYS A 134 4.66 -19.12 -4.89
N ILE A 135 4.68 -17.82 -4.73
CA ILE A 135 3.81 -17.07 -3.77
C ILE A 135 3.09 -16.01 -4.59
N THR A 136 1.80 -15.89 -4.42
CA THR A 136 1.02 -14.79 -5.02
C THR A 136 0.57 -13.85 -3.96
N LEU A 137 0.70 -12.55 -4.21
CA LEU A 137 0.13 -11.55 -3.33
C LEU A 137 -1.12 -11.09 -4.04
N TYR A 138 -2.26 -11.41 -3.44
CA TYR A 138 -3.59 -11.11 -3.99
C TYR A 138 -4.11 -9.81 -3.37
N GLY A 139 -4.76 -9.00 -4.20
CA GLY A 139 -5.46 -7.77 -3.80
C GLY A 139 -6.91 -7.81 -4.26
N ARG A 140 -7.84 -7.33 -3.44
CA ARG A 140 -9.25 -7.15 -3.88
C ARG A 140 -9.30 -5.98 -4.85
N THR A 141 -8.32 -5.08 -4.78
CA THR A 141 -8.10 -3.99 -5.74
C THR A 141 -6.72 -4.16 -6.40
N LYS A 142 -6.45 -3.37 -7.43
CA LYS A 142 -5.23 -3.53 -8.26
C LYS A 142 -4.02 -2.91 -7.57
N GLU A 143 -4.24 -2.10 -6.54
CA GLU A 143 -3.16 -1.48 -5.73
C GLU A 143 -3.16 -2.07 -4.33
N LEU A 144 -2.01 -2.19 -3.71
CA LEU A 144 -1.93 -2.42 -2.24
C LEU A 144 -0.87 -1.49 -1.63
N THR A 145 -0.91 -1.28 -0.33
CA THR A 145 0.06 -0.40 0.38
C THR A 145 1.47 -0.90 0.15
N SER A 146 2.42 0.02 0.21
CA SER A 146 3.88 -0.25 0.31
C SER A 146 4.16 -1.27 1.42
N GLU A 147 3.41 -1.18 2.52
CA GLU A 147 3.62 -2.06 3.69
C GLU A 147 3.32 -3.51 3.29
N LEU A 148 2.22 -3.76 2.56
CA LEU A 148 1.81 -5.14 2.21
C LEU A 148 2.78 -5.68 1.15
N LYS A 149 3.26 -4.79 0.27
CA LYS A 149 4.25 -5.16 -0.77
C LYS A 149 5.57 -5.53 -0.12
N GLU A 150 6.06 -4.74 0.85
CA GLU A 150 7.35 -5.03 1.55
C GLU A 150 7.20 -6.31 2.39
N ASN A 151 6.05 -6.54 3.01
CA ASN A 151 5.77 -7.78 3.75
C ASN A 151 5.91 -8.97 2.80
N PHE A 152 5.41 -8.85 1.58
CA PHE A 152 5.44 -9.91 0.56
C PHE A 152 6.88 -10.16 0.10
N ILE A 153 7.64 -9.08 -0.12
CA ILE A 153 9.10 -9.20 -0.46
C ILE A 153 9.84 -9.92 0.69
N ARG A 154 9.59 -9.53 1.93
CA ARG A 154 10.23 -10.13 3.12
C ARG A 154 9.88 -11.62 3.15
N PHE A 155 8.61 -11.97 3.00
CA PHE A 155 8.19 -13.38 3.05
C PHE A 155 8.89 -14.17 1.91
N SER A 156 8.87 -13.65 0.69
CA SER A 156 9.50 -14.30 -0.50
C SER A 156 10.99 -14.58 -0.21
N LYS A 157 11.71 -13.62 0.36
CA LYS A 157 13.17 -13.74 0.63
C LYS A 157 13.39 -14.77 1.72
N SER A 158 12.53 -14.85 2.71
CA SER A 158 12.60 -15.86 3.77
C SER A 158 12.50 -17.28 3.17
N LEU A 159 11.87 -17.45 2.01
CA LEU A 159 11.69 -18.78 1.36
C LEU A 159 12.85 -19.03 0.38
N GLY A 160 13.87 -18.15 0.35
CA GLY A 160 15.09 -18.34 -0.46
C GLY A 160 15.05 -17.58 -1.79
N LEU A 161 14.01 -16.78 -2.06
CA LEU A 161 13.94 -16.09 -3.38
C LEU A 161 14.70 -14.76 -3.30
N PRO A 162 15.59 -14.47 -4.28
CA PRO A 162 16.14 -13.13 -4.41
C PRO A 162 15.16 -12.22 -5.17
N GLU A 163 15.51 -10.95 -5.21
CA GLU A 163 14.69 -9.82 -5.67
C GLU A 163 14.30 -10.05 -7.11
N ASN A 164 15.18 -10.64 -7.90
CA ASN A 164 14.92 -10.75 -9.35
C ASN A 164 13.94 -11.91 -9.63
N HIS A 165 13.50 -12.65 -8.61
CA HIS A 165 12.44 -13.68 -8.69
C HIS A 165 11.13 -13.16 -8.08
N ILE A 166 11.02 -11.85 -7.86
CA ILE A 166 9.85 -11.19 -7.25
C ILE A 166 9.37 -10.11 -8.21
N VAL A 167 8.13 -10.22 -8.74
CA VAL A 167 7.58 -9.18 -9.67
C VAL A 167 6.25 -8.63 -9.15
N PHE A 168 5.94 -7.43 -9.58
CA PHE A 168 4.69 -6.71 -9.28
C PHE A 168 4.01 -6.44 -10.58
N PRO A 169 3.13 -7.36 -11.05
CA PRO A 169 2.55 -7.20 -12.35
C PRO A 169 1.95 -5.80 -12.47
N VAL A 170 2.01 -5.27 -13.67
CA VAL A 170 1.51 -3.91 -13.99
C VAL A 170 -0.03 -3.95 -14.12
N PRO A 171 -0.78 -3.09 -13.39
CA PRO A 171 -2.24 -2.96 -13.57
C PRO A 171 -2.65 -2.76 -15.02
N ILE A 172 -3.67 -3.48 -15.50
CA ILE A 172 -4.30 -3.22 -16.84
C ILE A 172 -5.79 -3.15 -16.64
N ASP A 173 -6.53 -2.79 -17.67
CA ASP A 173 -8.00 -2.76 -17.68
C ASP A 173 -8.60 -3.92 -18.47
N GLN A 174 -7.93 -4.42 -19.49
CA GLN A 174 -8.47 -5.51 -20.36
C GLN A 174 -8.67 -6.80 -19.53
N CYS A 175 -9.83 -7.46 -19.69
CA CYS A 175 -10.10 -8.84 -19.25
C CYS A 175 -10.39 -8.91 -17.75
N ILE A 176 -9.67 -8.18 -16.93
CA ILE A 176 -9.62 -8.39 -15.46
C ILE A 176 -10.61 -7.49 -14.70
N ASP A 177 -11.38 -6.64 -15.37
CA ASP A 177 -12.32 -5.68 -14.70
C ASP A 177 -13.80 -6.17 -14.67
N SER B 5 36.35 2.05 -15.69
CA SER B 5 35.01 1.81 -15.11
C SER B 5 33.93 2.39 -16.03
N ASP B 6 32.74 1.79 -16.01
CA ASP B 6 31.46 2.45 -16.36
C ASP B 6 30.73 2.80 -15.04
N LEU B 7 30.10 3.97 -14.93
CA LEU B 7 29.39 4.40 -13.70
C LEU B 7 27.93 4.67 -14.02
N ILE B 8 27.03 4.27 -13.12
CA ILE B 8 25.63 4.75 -13.10
C ILE B 8 25.67 6.27 -12.96
N PRO B 9 25.00 7.03 -13.83
CA PRO B 9 25.08 8.49 -13.81
C PRO B 9 24.54 9.04 -12.47
N ALA B 10 25.12 10.13 -11.97
CA ALA B 10 24.54 10.97 -10.90
C ALA B 10 23.13 11.37 -11.30
N PRO B 11 22.15 11.35 -10.37
CA PRO B 11 20.82 11.86 -10.66
C PRO B 11 20.84 13.37 -10.77
N PRO B 12 19.87 14.01 -11.45
CA PRO B 12 19.69 15.45 -11.36
C PRO B 12 19.33 15.85 -9.93
N LEU B 13 19.81 17.00 -9.46
CA LEU B 13 19.63 17.45 -8.05
C LEU B 13 18.14 17.64 -7.78
N SER B 14 17.34 17.87 -8.81
CA SER B 14 15.86 17.95 -8.75
C SER B 14 15.27 16.64 -8.17
N LYS B 15 15.94 15.49 -8.31
CA LYS B 15 15.47 14.18 -7.78
C LYS B 15 16.01 13.95 -6.35
N VAL B 16 16.72 14.91 -5.79
CA VAL B 16 17.30 14.79 -4.44
C VAL B 16 16.66 15.86 -3.57
N PRO B 17 15.66 15.49 -2.74
CA PRO B 17 15.04 16.47 -1.86
C PRO B 17 16.04 17.05 -0.85
N LEU B 18 15.71 18.22 -0.34
CA LEU B 18 16.41 18.93 0.76
C LEU B 18 15.48 18.97 1.97
N GLN B 19 15.96 18.51 3.13
CA GLN B 19 15.20 18.61 4.40
C GLN B 19 14.68 20.05 4.55
N GLN B 20 13.37 20.22 4.60
CA GLN B 20 12.67 21.51 4.88
C GLN B 20 13.19 22.11 6.21
N ASN B 21 13.52 23.40 6.25
CA ASN B 21 13.81 24.16 7.50
C ASN B 21 14.87 23.40 8.35
N PHE B 22 16.00 23.06 7.74
CA PHE B 22 17.07 22.25 8.39
C PHE B 22 17.55 22.97 9.66
N GLN B 23 17.75 22.23 10.74
CA GLN B 23 18.18 22.76 12.07
C GLN B 23 19.62 22.27 12.35
N ASP B 24 20.61 23.13 12.11
CA ASP B 24 22.05 22.73 12.08
C ASP B 24 22.47 22.29 13.51
N ASN B 25 21.89 22.91 14.55
CA ASN B 25 22.21 22.63 15.98
C ASN B 25 21.73 21.22 16.35
N GLN B 26 20.56 20.83 15.86
CA GLN B 26 19.91 19.53 16.19
C GLN B 26 20.61 18.39 15.44
N PHE B 27 21.28 18.66 14.30
CA PHE B 27 21.89 17.62 13.43
C PHE B 27 23.23 17.17 14.02
N GLN B 28 23.79 17.96 14.94
CA GLN B 28 25.21 17.81 15.35
C GLN B 28 25.34 16.52 16.19
N GLY B 29 26.57 16.07 16.41
CA GLY B 29 26.89 14.89 17.22
C GLY B 29 27.24 13.69 16.37
N LYS B 30 27.18 12.51 16.96
CA LYS B 30 27.68 11.28 16.33
C LYS B 30 26.53 10.61 15.59
N TRP B 31 26.81 10.20 14.37
CA TRP B 31 25.91 9.33 13.58
C TRP B 31 26.68 8.04 13.22
N TYR B 32 26.00 6.91 13.31
CA TYR B 32 26.47 5.61 12.77
C TYR B 32 26.02 5.48 11.33
N VAL B 33 26.89 4.95 10.49
CA VAL B 33 26.55 4.71 9.06
C VAL B 33 25.91 3.32 8.96
N VAL B 34 24.58 3.29 8.98
CA VAL B 34 23.77 2.05 9.05
C VAL B 34 23.39 1.64 7.63
N GLY B 35 23.45 2.55 6.68
CA GLY B 35 23.24 2.26 5.25
C GLY B 35 24.15 3.10 4.38
N LEU B 36 24.56 2.54 3.26
CA LEU B 36 25.52 3.15 2.33
C LEU B 36 25.17 2.70 0.91
N ALA B 37 24.89 3.62 0.00
CA ALA B 37 24.56 3.33 -1.41
C ALA B 37 25.26 4.34 -2.32
N GLY B 38 25.67 3.94 -3.52
CA GLY B 38 26.25 4.87 -4.51
C GLY B 38 26.82 4.17 -5.72
N ASN B 39 27.22 4.95 -6.74
CA ASN B 39 27.64 4.41 -8.05
C ASN B 39 29.03 3.78 -7.95
N ALA B 40 29.77 3.99 -6.84
CA ALA B 40 31.08 3.35 -6.58
C ALA B 40 31.01 2.40 -5.36
N ILE B 41 29.82 2.22 -4.76
CA ILE B 41 29.61 1.27 -3.63
C ILE B 41 29.21 -0.10 -4.21
N LEU B 42 29.87 -1.17 -3.76
CA LEU B 42 29.58 -2.56 -4.21
C LEU B 42 29.51 -3.50 -2.99
N ARG B 43 28.50 -4.38 -2.95
CA ARG B 43 28.30 -5.38 -1.86
C ARG B 43 29.57 -6.24 -1.68
N PRO B 48 33.47 -7.82 4.14
CA PRO B 48 32.17 -7.10 4.15
C PRO B 48 32.26 -5.81 4.99
N GLN B 49 31.60 -4.73 4.54
CA GLN B 49 31.79 -3.36 5.08
C GLN B 49 31.41 -3.35 6.57
N LYS B 50 32.35 -2.97 7.43
CA LYS B 50 32.12 -2.81 8.88
C LYS B 50 31.66 -1.38 9.13
N MET B 51 30.69 -1.22 10.03
CA MET B 51 30.13 0.08 10.44
C MET B 51 31.27 1.01 10.84
N TYR B 52 31.18 2.25 10.43
CA TYR B 52 31.99 3.37 10.94
C TYR B 52 31.02 4.44 11.40
N ALA B 53 31.55 5.46 12.04
CA ALA B 53 30.76 6.56 12.61
C ALA B 53 31.35 7.88 12.12
N THR B 54 30.52 8.90 12.12
CA THR B 54 30.88 10.24 11.64
C THR B 54 30.32 11.22 12.64
N ILE B 55 31.17 12.12 13.12
CA ILE B 55 30.83 13.10 14.17
C ILE B 55 30.82 14.48 13.53
N TYR B 56 29.72 15.18 13.69
CA TYR B 56 29.49 16.54 13.16
C TYR B 56 29.54 17.51 14.33
N GLU B 57 30.53 18.40 14.36
CA GLU B 57 30.68 19.42 15.43
C GLU B 57 30.33 20.78 14.85
N LEU B 58 29.24 21.38 15.32
CA LEU B 58 28.80 22.71 14.88
C LEU B 58 29.73 23.75 15.50
N LYS B 59 30.50 24.45 14.67
CA LYS B 59 31.46 25.48 15.12
C LYS B 59 30.72 26.82 15.17
N GLU B 60 31.31 27.83 15.84
CA GLU B 60 30.65 29.14 16.05
C GLU B 60 30.41 29.80 14.71
N ASP B 61 31.26 29.53 13.71
CA ASP B 61 31.13 30.07 12.33
C ASP B 61 30.07 29.26 11.54
N LYS B 62 29.47 28.24 12.16
CA LYS B 62 28.28 27.47 11.65
C LYS B 62 28.70 26.38 10.67
N SER B 63 29.99 26.25 10.38
CA SER B 63 30.55 25.10 9.65
C SER B 63 30.52 23.90 10.57
N TYR B 64 30.56 22.70 10.00
CA TYR B 64 30.80 21.44 10.76
C TYR B 64 32.25 21.02 10.59
N ASN B 65 32.90 20.65 11.68
CA ASN B 65 34.09 19.79 11.65
C ASN B 65 33.61 18.35 11.65
N VAL B 66 33.96 17.59 10.62
CA VAL B 66 33.39 16.25 10.39
C VAL B 66 34.51 15.24 10.49
N THR B 67 34.47 14.39 11.51
CA THR B 67 35.52 13.37 11.73
C THR B 67 34.87 11.98 11.65
N SER B 68 35.40 11.15 10.79
CA SER B 68 34.96 9.75 10.64
C SER B 68 35.98 8.84 11.27
N VAL B 69 35.52 7.83 11.98
CA VAL B 69 36.39 6.86 12.64
C VAL B 69 35.97 5.47 12.16
N LEU B 70 36.93 4.78 11.55
CA LEU B 70 36.77 3.42 11.01
C LEU B 70 37.82 2.50 11.65
N PHE B 71 37.44 1.26 11.92
CA PHE B 71 38.35 0.18 12.38
C PHE B 71 38.90 -0.53 11.16
N ARG B 72 40.17 -0.25 10.84
CA ARG B 72 40.87 -0.71 9.61
C ARG B 72 42.27 -1.18 10.01
N LYS B 73 42.69 -2.35 9.52
CA LYS B 73 44.08 -2.86 9.73
C LYS B 73 44.37 -2.88 11.24
N LYS B 74 43.40 -3.34 12.06
CA LYS B 74 43.54 -3.57 13.52
C LYS B 74 43.69 -2.22 14.27
N LYS B 75 43.43 -1.08 13.62
CA LYS B 75 43.62 0.27 14.24
C LYS B 75 42.37 1.13 14.07
N CYS B 76 42.26 2.20 14.83
CA CYS B 76 41.25 3.26 14.59
C CYS B 76 41.84 4.27 13.61
N ASP B 77 41.22 4.44 12.43
CA ASP B 77 41.60 5.45 11.42
C ASP B 77 40.63 6.62 11.47
N TYR B 78 41.16 7.83 11.58
CA TYR B 78 40.39 9.08 11.67
C TYR B 78 40.54 9.81 10.33
N TRP B 79 39.44 10.29 9.77
CA TRP B 79 39.40 11.07 8.52
C TRP B 79 38.60 12.35 8.77
N ILE B 80 39.22 13.49 8.53
CA ILE B 80 38.72 14.83 8.95
C ILE B 80 38.36 15.62 7.69
N ARG B 81 37.17 16.18 7.63
CA ARG B 81 36.74 17.14 6.59
C ARG B 81 36.05 18.32 7.26
N THR B 82 35.93 19.43 6.55
CA THR B 82 35.12 20.60 6.97
C THR B 82 33.94 20.70 6.02
N PHE B 83 32.71 20.79 6.54
CA PHE B 83 31.49 21.04 5.74
C PHE B 83 31.07 22.48 5.97
N VAL B 84 31.14 23.28 4.91
CA VAL B 84 30.80 24.73 4.95
C VAL B 84 29.37 24.88 4.44
N PRO B 85 28.49 25.63 5.17
CA PRO B 85 27.11 25.82 4.72
C PRO B 85 27.08 26.37 3.30
N GLY B 86 26.22 25.81 2.45
CA GLY B 86 26.10 26.17 1.03
C GLY B 86 24.92 27.10 0.79
N SER B 87 24.34 27.03 -0.41
CA SER B 87 23.35 28.00 -0.94
C SER B 87 22.12 28.03 -0.03
N GLN B 88 21.72 26.86 0.52
CA GLN B 88 20.48 26.68 1.34
C GLN B 88 20.82 25.90 2.61
N PRO B 89 20.13 26.17 3.75
CA PRO B 89 20.29 25.36 4.96
C PRO B 89 20.08 23.87 4.63
N GLY B 90 21.05 23.06 5.04
CA GLY B 90 21.05 21.60 4.84
C GLY B 90 21.95 21.21 3.68
N GLU B 91 22.54 22.20 3.00
CA GLU B 91 23.55 21.95 1.93
C GLU B 91 24.92 22.39 2.42
N PHE B 92 25.96 21.69 1.99
CA PHE B 92 27.36 21.97 2.39
C PHE B 92 28.28 21.71 1.21
N THR B 93 29.35 22.49 1.20
CA THR B 93 30.52 22.33 0.33
C THR B 93 31.68 21.91 1.24
N LEU B 94 32.72 21.32 0.65
CA LEU B 94 33.91 20.80 1.34
C LEU B 94 34.91 21.96 1.56
N GLY B 95 35.22 22.27 2.82
CA GLY B 95 36.29 23.22 3.20
C GLY B 95 37.66 22.70 2.78
N ASN B 96 38.53 23.64 2.35
CA ASN B 96 39.87 23.35 1.76
C ASN B 96 39.74 22.32 0.62
N ILE B 97 38.76 22.47 -0.26
CA ILE B 97 38.53 21.55 -1.41
C ILE B 97 39.79 21.54 -2.31
N LYS B 98 40.49 22.68 -2.40
CA LYS B 98 41.67 22.89 -3.29
C LYS B 98 42.77 21.90 -2.89
N SER B 99 42.83 21.55 -1.61
CA SER B 99 43.89 20.71 -1.01
C SER B 99 43.59 19.22 -1.21
N TYR B 100 42.53 18.84 -1.94
CA TYR B 100 42.31 17.43 -2.32
C TYR B 100 42.71 17.21 -3.78
N PRO B 101 43.80 16.46 -4.04
CA PRO B 101 44.20 16.09 -5.39
C PRO B 101 43.07 15.37 -6.16
N GLY B 102 42.76 15.85 -7.37
CA GLY B 102 41.81 15.21 -8.29
C GLY B 102 40.41 15.80 -8.14
N LEU B 103 40.13 16.49 -7.04
CA LEU B 103 38.77 16.89 -6.64
C LEU B 103 38.45 18.27 -7.20
N THR B 104 37.46 18.37 -8.08
CA THR B 104 37.07 19.69 -8.64
C THR B 104 35.72 20.14 -8.07
N SER B 105 34.93 19.25 -7.48
CA SER B 105 33.51 19.52 -7.10
C SER B 105 33.08 18.62 -5.95
N TYR B 106 32.32 19.14 -4.99
CA TYR B 106 31.89 18.39 -3.79
C TYR B 106 30.63 19.03 -3.21
N LEU B 107 29.55 18.25 -3.16
CA LEU B 107 28.27 18.75 -2.60
C LEU B 107 27.75 17.76 -1.55
N VAL B 108 27.19 18.28 -0.46
CA VAL B 108 26.45 17.51 0.57
C VAL B 108 25.04 18.09 0.65
N ARG B 109 24.03 17.24 0.53
CA ARG B 109 22.62 17.64 0.77
C ARG B 109 21.99 16.70 1.79
N VAL B 110 21.57 17.24 2.92
CA VAL B 110 20.70 16.49 3.88
C VAL B 110 19.30 16.34 3.24
N VAL B 111 18.95 15.11 2.89
CA VAL B 111 17.70 14.76 2.18
C VAL B 111 16.53 14.80 3.17
N SER B 112 16.69 14.19 4.33
CA SER B 112 15.65 14.04 5.38
C SER B 112 16.32 13.71 6.71
N THR B 113 15.72 14.14 7.80
CA THR B 113 16.14 13.74 9.15
C THR B 113 15.03 14.09 10.12
N ASN B 114 14.94 13.34 11.20
CA ASN B 114 14.17 13.71 12.41
C ASN B 114 15.16 14.04 13.53
N TYR B 115 16.46 14.14 13.20
CA TYR B 115 17.56 14.65 14.06
C TYR B 115 17.93 13.66 15.18
N ASN B 116 16.96 13.01 15.83
CA ASN B 116 17.19 12.27 17.11
C ASN B 116 17.21 10.75 16.85
N GLN B 117 16.90 10.28 15.64
CA GLN B 117 16.98 8.84 15.30
C GLN B 117 17.72 8.63 13.98
N HIS B 118 17.34 9.34 12.91
CA HIS B 118 17.79 8.97 11.55
C HIS B 118 17.97 10.18 10.65
N ALA B 119 18.76 10.00 9.60
CA ALA B 119 18.97 10.98 8.53
C ALA B 119 19.38 10.25 7.25
N MET B 120 19.08 10.85 6.11
CA MET B 120 19.65 10.46 4.82
C MET B 120 20.39 11.65 4.26
N VAL B 121 21.65 11.44 3.89
CA VAL B 121 22.52 12.51 3.34
C VAL B 121 23.06 12.07 1.99
N PHE B 122 22.93 12.96 1.03
CA PHE B 122 23.40 12.81 -0.36
C PHE B 122 24.75 13.49 -0.50
N PHE B 123 25.71 12.80 -1.09
CA PHE B 123 27.05 13.33 -1.43
C PHE B 123 27.29 13.17 -2.93
N LYS B 124 27.82 14.22 -3.55
CA LYS B 124 28.22 14.18 -4.97
C LYS B 124 29.58 14.83 -5.10
N LYS B 125 30.46 14.22 -5.87
CA LYS B 125 31.75 14.83 -6.19
C LYS B 125 32.15 14.57 -7.63
N VAL B 126 33.02 15.43 -8.16
CA VAL B 126 33.74 15.18 -9.44
C VAL B 126 35.23 15.05 -9.10
N SER B 127 35.75 13.83 -9.27
CA SER B 127 37.16 13.46 -8.99
C SER B 127 37.76 12.86 -10.26
N GLN B 128 38.82 13.49 -10.80
CA GLN B 128 39.46 13.08 -12.08
C GLN B 128 38.39 13.02 -13.19
N ASN B 129 37.54 14.04 -13.25
CA ASN B 129 36.50 14.22 -14.29
C ASN B 129 35.44 13.11 -14.22
N ARG B 130 35.43 12.26 -13.20
CA ARG B 130 34.38 11.22 -13.02
C ARG B 130 33.39 11.69 -11.95
N GLU B 131 32.11 11.51 -12.21
CA GLU B 131 31.04 11.97 -11.31
C GLU B 131 30.60 10.83 -10.39
N TYR B 132 30.89 10.94 -9.10
CA TYR B 132 30.52 9.93 -8.09
C TYR B 132 29.41 10.49 -7.22
N PHE B 133 28.49 9.63 -6.80
CA PHE B 133 27.47 9.99 -5.79
C PHE B 133 27.27 8.86 -4.82
N LYS B 134 26.82 9.19 -3.62
CA LYS B 134 26.38 8.22 -2.62
C LYS B 134 25.34 8.84 -1.69
N ILE B 135 24.57 7.97 -1.06
CA ILE B 135 23.60 8.28 0.01
C ILE B 135 24.03 7.51 1.25
N THR B 136 24.13 8.18 2.37
CA THR B 136 24.34 7.52 3.67
C THR B 136 23.02 7.55 4.45
N LEU B 137 22.66 6.42 5.01
CA LEU B 137 21.58 6.31 6.00
C LEU B 137 22.24 6.35 7.36
N TYR B 138 22.01 7.43 8.09
CA TYR B 138 22.60 7.68 9.42
C TYR B 138 21.61 7.25 10.49
N GLY B 139 22.13 6.64 11.56
CA GLY B 139 21.39 6.29 12.78
C GLY B 139 22.08 6.88 14.01
N ARG B 140 21.30 7.36 14.97
CA ARG B 140 21.84 7.79 16.28
C ARG B 140 22.32 6.56 17.04
N THR B 141 21.73 5.40 16.73
CA THR B 141 22.13 4.06 17.24
C THR B 141 22.58 3.18 16.08
N LYS B 142 23.15 2.01 16.38
CA LYS B 142 23.76 1.12 15.37
C LYS B 142 22.69 0.29 14.64
N GLU B 143 21.44 0.31 15.12
CA GLU B 143 20.28 -0.37 14.48
C GLU B 143 19.25 0.68 14.05
N LEU B 144 18.48 0.42 13.00
CA LEU B 144 17.19 1.14 12.73
C LEU B 144 16.14 0.14 12.22
N THR B 145 14.88 0.55 12.22
CA THR B 145 13.72 -0.25 11.75
C THR B 145 13.99 -0.75 10.32
N SER B 146 13.48 -1.91 9.96
CA SER B 146 13.43 -2.38 8.56
C SER B 146 12.55 -1.42 7.74
N GLU B 147 11.62 -0.69 8.37
CA GLU B 147 10.83 0.40 7.73
C GLU B 147 11.78 1.48 7.19
N LEU B 148 12.74 1.95 7.98
CA LEU B 148 13.68 3.04 7.57
C LEU B 148 14.67 2.48 6.56
N LYS B 149 15.06 1.21 6.71
CA LYS B 149 15.98 0.52 5.79
C LYS B 149 15.30 0.38 4.40
N GLU B 150 14.02 -0.01 4.34
CA GLU B 150 13.27 -0.18 3.07
C GLU B 150 13.04 1.21 2.46
N ASN B 151 12.78 2.22 3.26
CA ASN B 151 12.65 3.62 2.78
C ASN B 151 13.94 4.04 2.08
N PHE B 152 15.11 3.69 2.66
CA PHE B 152 16.45 4.05 2.14
C PHE B 152 16.71 3.29 0.83
N ILE B 153 16.33 2.02 0.76
CA ILE B 153 16.45 1.19 -0.48
C ILE B 153 15.56 1.82 -1.58
N ARG B 154 14.33 2.17 -1.25
CA ARG B 154 13.37 2.81 -2.19
C ARG B 154 14.00 4.12 -2.71
N PHE B 155 14.51 4.96 -1.82
CA PHE B 155 15.13 6.25 -2.22
C PHE B 155 16.34 5.98 -3.13
N SER B 156 17.23 5.07 -2.75
CA SER B 156 18.44 4.72 -3.54
C SER B 156 18.04 4.27 -4.95
N LYS B 157 17.02 3.41 -5.06
CA LYS B 157 16.58 2.86 -6.36
C LYS B 157 15.97 3.99 -7.20
N SER B 158 15.27 4.95 -6.59
CA SER B 158 14.70 6.11 -7.30
C SER B 158 15.84 6.94 -7.95
N LEU B 159 17.06 6.87 -7.41
CA LEU B 159 18.23 7.63 -7.94
C LEU B 159 19.02 6.75 -8.93
N GLY B 160 18.48 5.58 -9.30
CA GLY B 160 19.04 4.70 -10.35
C GLY B 160 19.96 3.61 -9.81
N LEU B 161 20.08 3.45 -8.50
CA LEU B 161 21.01 2.44 -7.93
C LEU B 161 20.31 1.09 -7.82
N PRO B 162 20.95 0.01 -8.31
CA PRO B 162 20.45 -1.34 -8.07
C PRO B 162 20.91 -1.87 -6.71
N GLU B 163 20.34 -3.01 -6.32
CA GLU B 163 20.49 -3.68 -5.01
C GLU B 163 21.98 -3.87 -4.71
N ASN B 164 22.77 -4.19 -5.73
CA ASN B 164 24.20 -4.57 -5.59
C ASN B 164 25.04 -3.35 -5.15
N HIS B 165 24.47 -2.13 -5.27
CA HIS B 165 25.14 -0.85 -4.94
C HIS B 165 24.59 -0.29 -3.61
N ILE B 166 23.89 -1.12 -2.83
CA ILE B 166 23.26 -0.74 -1.54
C ILE B 166 23.78 -1.69 -0.47
N VAL B 167 24.41 -1.17 0.59
CA VAL B 167 25.14 -1.98 1.62
C VAL B 167 24.67 -1.53 3.02
N PHE B 168 24.59 -2.47 3.97
CA PHE B 168 24.22 -2.22 5.38
C PHE B 168 25.39 -2.63 6.27
N PRO B 169 26.28 -1.69 6.63
CA PRO B 169 27.50 -2.05 7.34
C PRO B 169 27.20 -2.81 8.64
N VAL B 170 28.05 -3.77 8.96
CA VAL B 170 27.93 -4.67 10.15
C VAL B 170 28.30 -3.88 11.42
N PRO B 171 27.39 -3.79 12.44
CA PRO B 171 27.74 -3.15 13.71
C PRO B 171 29.00 -3.76 14.35
N ILE B 172 29.87 -2.92 14.91
CA ILE B 172 31.06 -3.34 15.72
C ILE B 172 31.11 -2.48 16.98
N ASP B 173 32.04 -2.77 17.88
CA ASP B 173 32.25 -2.03 19.16
C ASP B 173 33.55 -1.23 19.12
N GLN B 174 34.57 -1.71 18.37
CA GLN B 174 35.91 -1.06 18.27
C GLN B 174 35.76 0.33 17.64
N CYS B 175 36.38 1.34 18.28
CA CYS B 175 36.68 2.68 17.74
C CYS B 175 35.43 3.57 17.76
N ILE B 176 34.26 3.03 17.43
CA ILE B 176 33.07 3.86 17.04
C ILE B 176 32.18 4.15 18.27
N ASP B 177 32.49 3.57 19.44
CA ASP B 177 31.76 3.83 20.72
C ASP B 177 32.58 4.75 21.63
N SER C 5 -36.77 26.59 -3.92
CA SER C 5 -35.42 26.79 -3.21
C SER C 5 -34.25 26.28 -4.11
N ASP C 6 -33.27 27.12 -4.37
CA ASP C 6 -32.17 26.91 -5.34
C ASP C 6 -31.21 25.83 -4.76
N LEU C 7 -30.65 24.96 -5.58
CA LEU C 7 -29.79 23.82 -5.10
C LEU C 7 -28.41 23.91 -5.73
N ILE C 8 -27.36 23.59 -4.98
CA ILE C 8 -26.04 23.26 -5.59
C ILE C 8 -26.25 22.09 -6.53
N PRO C 9 -25.82 22.18 -7.80
CA PRO C 9 -26.13 21.14 -8.78
C PRO C 9 -25.45 19.81 -8.38
N ALA C 10 -26.08 18.68 -8.63
CA ALA C 10 -25.43 17.35 -8.56
C ALA C 10 -24.17 17.39 -9.40
N PRO C 11 -23.06 16.75 -8.95
CA PRO C 11 -21.84 16.71 -9.73
C PRO C 11 -22.01 15.70 -10.86
N PRO C 12 -21.22 15.76 -11.95
CA PRO C 12 -21.21 14.66 -12.92
C PRO C 12 -20.64 13.37 -12.26
N LEU C 13 -21.21 12.22 -12.58
CA LEU C 13 -20.87 10.89 -12.01
C LEU C 13 -19.39 10.58 -12.25
N SER C 14 -18.81 11.20 -13.27
CA SER C 14 -17.37 11.15 -13.59
C SER C 14 -16.54 11.68 -12.42
N LYS C 15 -17.08 12.54 -11.56
CA LYS C 15 -16.34 13.08 -10.35
C LYS C 15 -16.53 12.16 -9.12
N VAL C 16 -17.33 11.11 -9.26
CA VAL C 16 -17.73 10.27 -8.12
C VAL C 16 -17.14 8.89 -8.36
N PRO C 17 -16.09 8.53 -7.67
CA PRO C 17 -15.48 7.21 -7.88
C PRO C 17 -16.44 6.09 -7.45
N LEU C 18 -16.19 4.90 -7.96
CA LEU C 18 -16.81 3.65 -7.56
C LEU C 18 -15.75 2.75 -6.93
N GLN C 19 -15.99 2.23 -5.74
CA GLN C 19 -15.10 1.26 -5.07
C GLN C 19 -14.80 0.11 -6.05
N GLN C 20 -13.55 -0.08 -6.39
CA GLN C 20 -13.07 -1.21 -7.25
C GLN C 20 -13.48 -2.55 -6.60
N ASN C 21 -14.04 -3.49 -7.40
CA ASN C 21 -14.29 -4.90 -6.97
C ASN C 21 -15.10 -4.93 -5.67
N PHE C 22 -16.23 -4.24 -5.63
CA PHE C 22 -17.04 -4.10 -4.41
C PHE C 22 -17.46 -5.49 -3.93
N GLN C 23 -17.36 -5.73 -2.62
CA GLN C 23 -17.69 -7.02 -1.98
C GLN C 23 -18.98 -6.87 -1.14
N ASP C 24 -20.08 -7.34 -1.68
CA ASP C 24 -21.44 -7.02 -1.15
C ASP C 24 -21.58 -7.71 0.22
N ASN C 25 -20.94 -8.87 0.39
CA ASN C 25 -21.00 -9.69 1.64
C ASN C 25 -20.25 -8.96 2.77
N GLN C 26 -19.12 -8.33 2.47
CA GLN C 26 -18.24 -7.65 3.46
C GLN C 26 -18.84 -6.29 3.88
N PHE C 27 -19.70 -5.69 3.05
CA PHE C 27 -20.28 -4.33 3.31
C PHE C 27 -21.44 -4.41 4.29
N GLN C 28 -21.93 -5.62 4.55
CA GLN C 28 -23.16 -5.81 5.29
C GLN C 28 -22.92 -5.54 6.75
N GLY C 29 -24.02 -5.36 7.53
CA GLY C 29 -23.97 -5.07 8.97
C GLY C 29 -24.25 -3.59 9.23
N LYS C 30 -23.89 -3.13 10.39
CA LYS C 30 -24.30 -1.83 10.90
C LYS C 30 -23.20 -0.82 10.58
N TRP C 31 -23.60 0.32 10.11
CA TRP C 31 -22.74 1.49 9.90
C TRP C 31 -23.35 2.67 10.68
N TYR C 32 -22.52 3.44 11.36
CA TYR C 32 -22.89 4.72 11.95
C TYR C 32 -22.63 5.82 10.95
N VAL C 33 -23.53 6.79 10.90
CA VAL C 33 -23.32 7.99 10.06
C VAL C 33 -22.52 9.05 10.84
N VAL C 34 -21.22 9.04 10.62
CA VAL C 34 -20.24 9.91 11.31
C VAL C 34 -20.05 11.22 10.53
N GLY C 35 -20.41 11.22 9.27
CA GLY C 35 -20.39 12.42 8.43
C GLY C 35 -21.48 12.43 7.42
N LEU C 36 -21.96 13.61 7.10
CA LEU C 36 -23.07 13.81 6.17
C LEU C 36 -22.86 15.13 5.42
N ALA C 37 -22.84 15.12 4.09
CA ALA C 37 -22.73 16.33 3.25
C ALA C 37 -23.70 16.22 2.08
N GLY C 38 -24.26 17.34 1.64
CA GLY C 38 -25.12 17.33 0.46
C GLY C 38 -25.84 18.64 0.24
N ASN C 39 -26.51 18.77 -0.90
CA ASN C 39 -27.10 20.05 -1.34
C ASN C 39 -28.34 20.39 -0.53
N ALA C 40 -28.92 19.45 0.23
CA ALA C 40 -30.03 19.72 1.19
C ALA C 40 -29.56 19.50 2.65
N ILE C 41 -28.28 19.35 2.90
CA ILE C 41 -27.71 19.31 4.29
C ILE C 41 -27.27 20.72 4.65
N LEU C 42 -27.70 21.22 5.79
CA LEU C 42 -27.24 22.54 6.36
C LEU C 42 -26.81 22.37 7.82
N ARG C 43 -25.65 22.90 8.19
CA ARG C 43 -25.19 22.94 9.60
C ARG C 43 -26.25 23.70 10.43
N GLU C 44 -26.57 23.22 11.63
CA GLU C 44 -27.61 23.83 12.50
C GLU C 44 -27.07 23.91 13.93
N ASP C 45 -26.30 24.97 14.20
CA ASP C 45 -25.58 25.20 15.49
C ASP C 45 -26.61 25.15 16.63
N LYS C 46 -27.84 25.57 16.37
CA LYS C 46 -28.99 25.53 17.33
C LYS C 46 -29.25 24.09 17.80
N ASP C 47 -29.61 23.21 16.86
CA ASP C 47 -30.08 21.84 17.12
C ASP C 47 -29.28 20.86 16.26
N PRO C 48 -28.03 20.52 16.67
CA PRO C 48 -27.09 19.79 15.81
C PRO C 48 -27.65 18.41 15.43
N GLN C 49 -27.39 17.98 14.19
CA GLN C 49 -27.78 16.64 13.66
C GLN C 49 -27.25 15.56 14.62
N LYS C 50 -28.11 14.69 15.08
CA LYS C 50 -27.74 13.52 15.90
C LYS C 50 -27.33 12.37 14.99
N MET C 51 -26.32 11.62 15.41
CA MET C 51 -25.89 10.40 14.73
C MET C 51 -27.10 9.45 14.57
N TYR C 52 -27.19 8.79 13.43
CA TYR C 52 -28.10 7.66 13.19
C TYR C 52 -27.27 6.52 12.65
N ALA C 53 -27.87 5.35 12.46
CA ALA C 53 -27.21 4.13 12.00
C ALA C 53 -28.02 3.53 10.86
N THR C 54 -27.37 2.76 10.02
CA THR C 54 -27.96 2.12 8.87
C THR C 54 -27.40 0.71 8.83
N ILE C 55 -28.28 -0.28 8.75
CA ILE C 55 -27.93 -1.72 8.71
C ILE C 55 -28.23 -2.25 7.33
N TYR C 56 -27.24 -2.84 6.72
CA TYR C 56 -27.32 -3.43 5.37
C TYR C 56 -27.39 -4.95 5.53
N GLU C 57 -28.47 -5.58 5.09
CA GLU C 57 -28.56 -7.07 5.10
C GLU C 57 -28.66 -7.58 3.70
N LEU C 58 -27.76 -8.45 3.31
CA LEU C 58 -27.69 -8.98 1.94
C LEU C 58 -28.68 -10.12 1.84
N LYS C 59 -29.65 -10.01 0.95
CA LYS C 59 -30.64 -11.08 0.70
C LYS C 59 -30.09 -12.06 -0.33
N GLU C 60 -30.71 -13.22 -0.45
CA GLU C 60 -30.21 -14.33 -1.31
C GLU C 60 -30.30 -13.88 -2.76
N ASP C 61 -31.25 -12.99 -3.10
CA ASP C 61 -31.36 -12.43 -4.47
C ASP C 61 -30.33 -11.29 -4.69
N LYS C 62 -29.50 -10.98 -3.70
CA LYS C 62 -28.30 -10.05 -3.78
C LYS C 62 -28.72 -8.59 -3.64
N SER C 63 -29.97 -8.31 -3.42
CA SER C 63 -30.42 -6.96 -3.06
C SER C 63 -30.16 -6.81 -1.57
N TYR C 64 -30.09 -5.60 -1.05
CA TYR C 64 -29.97 -5.30 0.38
C TYR C 64 -31.31 -4.86 0.92
N ASN C 65 -31.64 -5.34 2.10
CA ASN C 65 -32.63 -4.73 2.99
C ASN C 65 -31.89 -3.76 3.87
N VAL C 66 -32.29 -2.53 3.82
CA VAL C 66 -31.52 -1.43 4.45
C VAL C 66 -32.42 -0.80 5.49
N THR C 67 -32.03 -0.87 6.75
CA THR C 67 -32.79 -0.25 7.86
C THR C 67 -32.02 0.90 8.49
N SER C 68 -32.58 2.09 8.54
CA SER C 68 -31.96 3.22 9.28
C SER C 68 -32.76 3.49 10.54
N VAL C 69 -32.05 3.84 11.59
CA VAL C 69 -32.59 4.10 12.94
C VAL C 69 -32.11 5.45 13.34
N LEU C 70 -33.02 6.36 13.68
CA LEU C 70 -32.76 7.72 14.15
C LEU C 70 -33.55 7.95 15.46
N PHE C 71 -33.02 8.76 16.34
CA PHE C 71 -33.72 9.25 17.55
C PHE C 71 -34.31 10.62 17.24
N ARG C 72 -35.63 10.70 17.04
CA ARG C 72 -36.40 11.95 16.73
C ARG C 72 -37.64 12.00 17.64
N LYS C 73 -37.93 13.15 18.25
CA LYS C 73 -39.21 13.41 18.96
C LYS C 73 -39.38 12.34 20.04
N LYS C 74 -38.31 12.04 20.78
CA LYS C 74 -38.30 11.13 21.94
C LYS C 74 -38.52 9.65 21.49
N LYS C 75 -38.50 9.35 20.19
CA LYS C 75 -38.78 7.99 19.69
C LYS C 75 -37.67 7.48 18.78
N CYS C 76 -37.61 6.16 18.61
CA CYS C 76 -36.79 5.50 17.61
C CYS C 76 -37.56 5.47 16.32
N ASP C 77 -37.05 6.10 15.27
CA ASP C 77 -37.68 6.11 13.92
C ASP C 77 -36.89 5.16 13.03
N TYR C 78 -37.58 4.22 12.41
CA TYR C 78 -37.02 3.17 11.55
C TYR C 78 -37.48 3.45 10.14
N TRP C 79 -36.58 3.34 9.18
CA TRP C 79 -36.87 3.50 7.72
C TRP C 79 -36.21 2.31 7.01
N ILE C 80 -37.02 1.45 6.40
CA ILE C 80 -36.59 0.21 5.72
C ILE C 80 -36.80 0.41 4.24
N ARG C 81 -35.73 0.22 3.43
CA ARG C 81 -35.84 0.22 1.96
C ARG C 81 -35.03 -0.90 1.36
N THR C 82 -35.25 -1.14 0.07
CA THR C 82 -34.52 -2.16 -0.70
C THR C 82 -33.56 -1.45 -1.64
N PHE C 83 -32.31 -1.88 -1.64
CA PHE C 83 -31.28 -1.47 -2.63
C PHE C 83 -31.06 -2.63 -3.59
N VAL C 84 -31.42 -2.43 -4.85
CA VAL C 84 -31.28 -3.45 -5.94
C VAL C 84 -29.97 -3.18 -6.66
N PRO C 85 -29.13 -4.20 -6.94
CA PRO C 85 -27.85 -4.01 -7.62
C PRO C 85 -28.09 -3.25 -8.91
N GLY C 86 -27.26 -2.25 -9.19
CA GLY C 86 -27.40 -1.41 -10.39
C GLY C 86 -26.40 -1.82 -11.45
N SER C 87 -26.03 -0.89 -12.32
CA SER C 87 -25.35 -1.23 -13.58
C SER C 87 -23.98 -1.87 -13.30
N GLN C 88 -23.32 -1.49 -12.19
CA GLN C 88 -21.95 -1.93 -11.79
C GLN C 88 -21.97 -2.34 -10.31
N PRO C 89 -21.12 -3.32 -9.89
CA PRO C 89 -21.04 -3.69 -8.49
C PRO C 89 -20.65 -2.48 -7.65
N GLY C 90 -21.42 -2.29 -6.61
CA GLY C 90 -21.29 -1.17 -5.67
C GLY C 90 -22.25 -0.06 -5.97
N GLU C 91 -23.03 -0.21 -7.01
CA GLU C 91 -24.13 0.76 -7.32
C GLU C 91 -25.47 0.09 -7.03
N PHE C 92 -26.47 0.86 -6.63
CA PHE C 92 -27.82 0.37 -6.31
C PHE C 92 -28.87 1.35 -6.77
N THR C 93 -30.00 0.81 -7.20
CA THR C 93 -31.28 1.52 -7.42
C THR C 93 -32.22 1.15 -6.26
N LEU C 94 -33.27 1.90 -6.09
CA LEU C 94 -34.24 1.73 -4.99
C LEU C 94 -35.32 0.78 -5.50
N GLY C 95 -35.55 -0.33 -4.83
CA GLY C 95 -36.70 -1.22 -5.13
C GLY C 95 -38.03 -0.49 -4.94
N ASN C 96 -39.03 -0.83 -5.77
CA ASN C 96 -40.43 -0.36 -5.64
C ASN C 96 -40.49 1.15 -5.59
N ILE C 97 -39.80 1.81 -6.52
CA ILE C 97 -39.71 3.28 -6.57
C ILE C 97 -41.13 3.92 -6.69
N LYS C 98 -42.08 3.23 -7.33
CA LYS C 98 -43.46 3.75 -7.58
C LYS C 98 -44.17 3.97 -6.23
N SER C 99 -43.77 3.25 -5.18
CA SER C 99 -44.39 3.38 -3.82
C SER C 99 -43.89 4.64 -3.10
N TYR C 100 -42.91 5.39 -3.66
CA TYR C 100 -42.45 6.65 -3.03
C TYR C 100 -43.01 7.83 -3.84
N PRO C 101 -43.94 8.60 -3.25
CA PRO C 101 -44.56 9.72 -3.95
C PRO C 101 -43.54 10.79 -4.39
N GLY C 102 -43.56 11.16 -5.66
CA GLY C 102 -42.75 12.25 -6.21
C GLY C 102 -41.34 11.77 -6.61
N LEU C 103 -41.02 10.49 -6.40
CA LEU C 103 -39.63 9.98 -6.56
C LEU C 103 -39.52 9.41 -7.94
N THR C 104 -38.69 9.98 -8.81
CA THR C 104 -38.55 9.44 -10.18
C THR C 104 -37.19 8.76 -10.36
N SER C 105 -36.22 9.01 -9.48
CA SER C 105 -34.84 8.52 -9.64
C SER C 105 -34.17 8.34 -8.30
N TYR C 106 -33.35 7.31 -8.12
CA TYR C 106 -32.63 7.08 -6.86
C TYR C 106 -31.42 6.27 -7.17
N LEU C 107 -30.23 6.79 -6.88
CA LEU C 107 -28.97 6.06 -7.20
C LEU C 107 -28.13 6.04 -5.95
N VAL C 108 -27.51 4.89 -5.67
CA VAL C 108 -26.48 4.73 -4.62
C VAL C 108 -25.18 4.29 -5.30
N ARG C 109 -24.07 4.95 -4.99
CA ARG C 109 -22.72 4.52 -5.44
C ARG C 109 -21.80 4.45 -4.24
N VAL C 110 -21.32 3.28 -3.88
CA VAL C 110 -20.23 3.17 -2.86
C VAL C 110 -18.93 3.73 -3.47
N VAL C 111 -18.44 4.81 -2.92
CA VAL C 111 -17.28 5.57 -3.45
C VAL C 111 -15.99 4.84 -3.00
N SER C 112 -15.88 4.51 -1.73
CA SER C 112 -14.69 3.85 -1.13
C SER C 112 -15.12 3.15 0.16
N THR C 113 -14.43 2.11 0.52
CA THR C 113 -14.61 1.45 1.83
C THR C 113 -13.47 0.48 2.02
N ASN C 114 -13.14 0.22 3.25
CA ASN C 114 -12.24 -0.87 3.66
C ASN C 114 -13.08 -1.88 4.44
N TYR C 115 -14.43 -1.74 4.40
CA TYR C 115 -15.40 -2.71 4.93
C TYR C 115 -15.39 -2.86 6.47
N ASN C 116 -14.22 -2.85 7.13
CA ASN C 116 -14.15 -3.14 8.61
C ASN C 116 -14.10 -1.87 9.45
N GLN C 117 -13.83 -0.70 8.86
CA GLN C 117 -13.77 0.58 9.64
C GLN C 117 -14.65 1.64 9.02
N HIS C 118 -14.56 1.89 7.71
CA HIS C 118 -15.16 3.13 7.12
C HIS C 118 -15.64 2.90 5.70
N ALA C 119 -16.52 3.80 5.25
CA ALA C 119 -17.02 3.86 3.87
C ALA C 119 -17.50 5.26 3.56
N MET C 120 -17.49 5.62 2.30
CA MET C 120 -18.14 6.81 1.79
C MET C 120 -19.09 6.36 0.72
N VAL C 121 -20.33 6.82 0.80
CA VAL C 121 -21.40 6.43 -0.15
C VAL C 121 -22.07 7.66 -0.66
N PHE C 122 -22.25 7.70 -1.96
CA PHE C 122 -22.87 8.78 -2.70
C PHE C 122 -24.30 8.38 -3.00
N PHE C 123 -25.24 9.31 -2.76
CA PHE C 123 -26.66 9.12 -3.06
C PHE C 123 -27.13 10.26 -3.93
N LYS C 124 -27.95 9.96 -4.92
CA LYS C 124 -28.54 10.97 -5.80
C LYS C 124 -29.97 10.59 -6.05
N LYS C 125 -30.88 11.54 -5.98
CA LYS C 125 -32.30 11.26 -6.25
C LYS C 125 -32.95 12.46 -6.86
N VAL C 126 -34.01 12.22 -7.58
CA VAL C 126 -34.87 13.26 -8.18
C VAL C 126 -36.26 13.09 -7.57
N SER C 127 -36.66 14.04 -6.75
CA SER C 127 -37.91 14.07 -5.99
C SER C 127 -38.64 15.40 -6.30
N GLN C 128 -39.87 15.34 -6.86
CA GLN C 128 -40.61 16.52 -7.37
C GLN C 128 -39.72 17.25 -8.40
N ASN C 129 -39.02 16.50 -9.25
CA ASN C 129 -38.15 17.01 -10.33
C ASN C 129 -36.99 17.85 -9.79
N ARG C 130 -36.70 17.80 -8.48
CA ARG C 130 -35.50 18.46 -7.89
C ARG C 130 -34.42 17.41 -7.66
N GLU C 131 -33.19 17.73 -8.00
CA GLU C 131 -32.08 16.77 -7.94
C GLU C 131 -31.29 16.99 -6.64
N TYR C 132 -31.37 16.06 -5.71
CA TYR C 132 -30.65 16.06 -4.43
C TYR C 132 -29.52 15.07 -4.47
N PHE C 133 -28.38 15.43 -3.87
CA PHE C 133 -27.28 14.48 -3.67
C PHE C 133 -26.75 14.64 -2.27
N LYS C 134 -26.17 13.56 -1.77
CA LYS C 134 -25.43 13.59 -0.51
C LYS C 134 -24.35 12.53 -0.53
N ILE C 135 -23.41 12.67 0.38
CA ILE C 135 -22.33 11.73 0.69
C ILE C 135 -22.46 11.43 2.16
N THR C 136 -22.49 10.16 2.52
CA THR C 136 -22.40 9.73 3.92
C THR C 136 -21.05 9.15 4.18
N LEU C 137 -20.49 9.54 5.30
CA LEU C 137 -19.26 8.94 5.83
C LEU C 137 -19.71 8.00 6.89
N TYR C 138 -19.51 6.73 6.64
CA TYR C 138 -19.92 5.61 7.51
C TYR C 138 -18.73 5.14 8.34
N GLY C 139 -18.97 4.81 9.59
CA GLY C 139 -18.01 4.19 10.52
C GLY C 139 -18.61 2.91 11.12
N ARG C 140 -17.79 1.90 11.36
CA ARG C 140 -18.23 0.69 12.10
C ARG C 140 -18.36 1.07 13.58
N THR C 141 -17.67 2.15 14.01
CA THR C 141 -17.85 2.76 15.35
C THR C 141 -18.35 4.20 15.19
N LYS C 142 -18.73 4.82 16.31
CA LYS C 142 -19.25 6.17 16.39
C LYS C 142 -18.15 7.23 16.23
N GLU C 143 -16.89 6.86 16.18
CA GLU C 143 -15.74 7.81 16.01
C GLU C 143 -15.03 7.50 14.70
N LEU C 144 -14.40 8.48 14.06
CA LEU C 144 -13.25 8.17 13.11
C LEU C 144 -12.13 9.22 13.24
N THR C 145 -10.95 8.84 12.78
CA THR C 145 -9.75 9.66 12.75
C THR C 145 -10.05 11.03 12.09
N SER C 146 -9.29 12.00 12.49
CA SER C 146 -9.20 13.33 11.86
C SER C 146 -8.82 13.14 10.37
N GLU C 147 -8.03 12.10 10.04
CA GLU C 147 -7.57 11.85 8.67
C GLU C 147 -8.78 11.51 7.79
N LEU C 148 -9.69 10.67 8.28
CA LEU C 148 -10.85 10.22 7.48
C LEU C 148 -11.85 11.37 7.37
N LYS C 149 -11.96 12.17 8.42
CA LYS C 149 -12.86 13.35 8.47
C LYS C 149 -12.37 14.39 7.44
N GLU C 150 -11.07 14.68 7.40
CA GLU C 150 -10.49 15.64 6.43
C GLU C 150 -10.62 15.11 5.01
N ASN C 151 -10.44 13.82 4.82
CA ASN C 151 -10.63 13.14 3.49
C ASN C 151 -12.05 13.36 3.03
N PHE C 152 -13.03 13.20 3.92
CA PHE C 152 -14.44 13.32 3.59
C PHE C 152 -14.78 14.79 3.26
N ILE C 153 -14.26 15.74 4.03
CA ILE C 153 -14.44 17.20 3.75
C ILE C 153 -13.83 17.52 2.36
N ARG C 154 -12.63 17.06 2.08
CA ARG C 154 -11.96 17.28 0.76
C ARG C 154 -12.84 16.68 -0.35
N PHE C 155 -13.32 15.45 -0.19
CA PHE C 155 -14.17 14.82 -1.24
C PHE C 155 -15.47 15.65 -1.44
N SER C 156 -16.16 16.00 -0.35
CA SER C 156 -17.41 16.79 -0.39
C SER C 156 -17.17 18.12 -1.14
N LYS C 157 -16.06 18.81 -0.83
CA LYS C 157 -15.75 20.10 -1.49
C LYS C 157 -15.44 19.87 -2.96
N SER C 158 -14.81 18.76 -3.33
CA SER C 158 -14.54 18.46 -4.77
C SER C 158 -15.87 18.34 -5.54
N LEU C 159 -16.97 17.97 -4.87
CA LEU C 159 -18.28 17.81 -5.53
C LEU C 159 -19.03 19.15 -5.56
N GLY C 160 -18.42 20.23 -5.05
CA GLY C 160 -19.01 21.59 -5.04
C GLY C 160 -19.71 21.94 -3.75
N LEU C 161 -19.59 21.16 -2.69
CA LEU C 161 -20.25 21.51 -1.40
C LEU C 161 -19.31 22.43 -0.60
N PRO C 162 -19.83 23.56 -0.09
CA PRO C 162 -19.11 24.36 0.88
C PRO C 162 -19.28 23.81 2.30
N GLU C 163 -18.51 24.35 3.22
CA GLU C 163 -18.31 23.81 4.61
C GLU C 163 -19.64 23.76 5.32
N ASN C 164 -20.53 24.70 5.05
CA ASN C 164 -21.80 24.77 5.80
C ASN C 164 -22.79 23.71 5.28
N HIS C 165 -22.44 22.95 4.22
CA HIS C 165 -23.25 21.77 3.74
C HIS C 165 -22.63 20.44 4.19
N ILE C 166 -21.67 20.49 5.12
CA ILE C 166 -20.93 19.32 5.64
C ILE C 166 -21.14 19.26 7.15
N VAL C 167 -21.75 18.18 7.65
CA VAL C 167 -22.13 18.02 9.09
C VAL C 167 -21.49 16.74 9.65
N PHE C 168 -21.15 16.76 10.90
CA PHE C 168 -20.64 15.61 11.67
C PHE C 168 -21.64 15.32 12.78
N PRO C 169 -22.55 14.37 12.59
CA PRO C 169 -23.58 14.10 13.58
C PRO C 169 -22.96 13.74 14.92
N VAL C 170 -23.57 14.22 15.99
CA VAL C 170 -23.06 14.04 17.39
C VAL C 170 -23.41 12.62 17.83
N PRO C 171 -22.42 11.82 18.31
CA PRO C 171 -22.70 10.52 18.90
C PRO C 171 -23.79 10.56 19.99
N ILE C 172 -24.72 9.62 19.97
CA ILE C 172 -25.75 9.39 21.01
C ILE C 172 -25.77 7.90 21.32
N ASP C 173 -26.53 7.51 22.35
CA ASP C 173 -26.67 6.09 22.77
C ASP C 173 -28.09 5.59 22.46
N GLN C 174 -29.09 6.46 22.42
CA GLN C 174 -30.50 6.08 22.15
C GLN C 174 -30.65 5.51 20.72
N CYS C 175 -31.31 4.37 20.62
CA CYS C 175 -31.87 3.74 19.40
C CYS C 175 -30.77 3.05 18.61
N ILE C 176 -29.57 3.65 18.47
CA ILE C 176 -28.62 3.27 17.39
C ILE C 176 -27.67 2.17 17.90
N ASP C 177 -27.69 1.87 19.18
CA ASP C 177 -26.97 0.71 19.83
C ASP C 177 -27.97 -0.41 20.08
#